data_2EXO
#
_entry.id   2EXO
#
_cell.length_a   88.147
_cell.length_b   88.147
_cell.length_c   81.108
_cell.angle_alpha   90.00
_cell.angle_beta   90.00
_cell.angle_gamma   90.00
#
_symmetry.space_group_name_H-M   'P 41 21 2'
#
loop_
_entity.id
_entity.type
_entity.pdbx_description
1 polymer EXO-1,4-BETA-D-GLYCANASE
2 water water
#
_entity_poly.entity_id   1
_entity_poly.type   'polypeptide(L)'
_entity_poly.pdbx_seq_one_letter_code
;ATTLKEAADGAGRDFGFALDPNRLSEAQYKAIADSEFNLVVAENAMKWDATEPSQNSFSFGAGDRVASYAADTGKELYGH
TLVWHSQLPDWAKNLNGSAFESAMVNHVTKVADHFEGKVASWDVVNEAFADGGGRRQDSAFQQKLGNGYIETAFRAARAA
DPTAKLCINDYNVEGINAKSNSLYDLVKDFKARGVPLDCVGFQSHLIVGQVPGDFRQNLQRFADLGVDVRITELDIRMRT
PSDATKLATQAADYKKVVQACMQVTRCQGVTVWGITDKYSWVPDVFPGEGAALVWDASYAKKPAYAAVMEAF
;
_entity_poly.pdbx_strand_id   A
#
# COMPACT_ATOMS: atom_id res chain seq x y z
N ALA A 1 -14.99 10.70 -19.32
CA ALA A 1 -13.81 9.80 -19.27
C ALA A 1 -14.32 8.39 -19.51
N THR A 2 -13.68 7.67 -20.42
CA THR A 2 -14.09 6.30 -20.72
C THR A 2 -13.42 5.33 -19.76
N THR A 3 -12.41 5.81 -19.05
CA THR A 3 -11.68 4.96 -18.12
C THR A 3 -11.45 5.63 -16.78
N LEU A 4 -11.18 4.81 -15.77
CA LEU A 4 -10.88 5.30 -14.44
C LEU A 4 -9.55 6.06 -14.52
N LYS A 5 -8.67 5.65 -15.43
CA LYS A 5 -7.40 6.31 -15.59
C LYS A 5 -7.65 7.75 -16.00
N GLU A 6 -8.54 7.92 -16.97
CA GLU A 6 -8.92 9.25 -17.44
C GLU A 6 -9.60 10.05 -16.34
N ALA A 7 -10.48 9.39 -15.58
CA ALA A 7 -11.18 10.02 -14.48
C ALA A 7 -10.16 10.49 -13.42
N ALA A 8 -9.20 9.63 -13.08
CA ALA A 8 -8.17 9.98 -12.10
C ALA A 8 -7.20 11.04 -12.63
N ASP A 9 -6.81 10.91 -13.90
CA ASP A 9 -5.90 11.87 -14.53
C ASP A 9 -6.45 13.29 -14.46
N GLY A 10 -7.69 13.46 -14.94
CA GLY A 10 -8.35 14.76 -14.91
C GLY A 10 -8.47 15.34 -13.51
N ALA A 11 -8.58 14.48 -12.51
CA ALA A 11 -8.66 14.96 -11.12
C ALA A 11 -7.26 15.21 -10.58
N GLY A 12 -6.25 14.81 -11.36
CA GLY A 12 -4.87 14.99 -10.94
C GLY A 12 -4.48 14.07 -9.79
N ARG A 13 -4.98 12.83 -9.82
CA ARG A 13 -4.72 11.85 -8.76
C ARG A 13 -4.24 10.53 -9.34
N ASP A 14 -3.69 9.70 -8.47
CA ASP A 14 -3.19 8.39 -8.85
C ASP A 14 -4.28 7.41 -8.57
N PHE A 15 -4.41 6.44 -9.44
CA PHE A 15 -5.38 5.39 -9.27
C PHE A 15 -4.51 4.21 -9.68
N GLY A 16 -4.11 3.39 -8.72
CA GLY A 16 -3.22 2.29 -9.01
C GLY A 16 -3.76 0.92 -8.69
N PHE A 17 -2.96 -0.09 -8.98
CA PHE A 17 -3.34 -1.45 -8.72
C PHE A 17 -2.12 -2.24 -8.38
N ALA A 18 -2.33 -3.31 -7.64
CA ALA A 18 -1.28 -4.24 -7.22
C ALA A 18 -1.10 -5.27 -8.32
N LEU A 19 0.07 -5.19 -8.93
CA LEU A 19 0.47 -6.04 -10.03
C LEU A 19 1.13 -7.35 -9.66
N ASP A 20 0.69 -8.42 -10.30
CA ASP A 20 1.34 -9.72 -10.14
C ASP A 20 1.90 -9.86 -11.56
N PRO A 21 3.24 -9.72 -11.75
CA PRO A 21 3.83 -9.84 -13.10
C PRO A 21 3.44 -11.08 -13.88
N ASN A 22 3.31 -12.21 -13.19
CA ASN A 22 2.94 -13.43 -13.86
C ASN A 22 1.60 -13.44 -14.59
N ARG A 23 0.72 -12.47 -14.32
CA ARG A 23 -0.60 -12.41 -14.96
C ARG A 23 -0.65 -11.50 -16.19
N LEU A 24 0.48 -10.89 -16.54
CA LEU A 24 0.49 -10.00 -17.67
C LEU A 24 0.32 -10.82 -18.94
N SER A 25 0.47 -12.13 -18.82
CA SER A 25 0.33 -13.01 -19.96
C SER A 25 -1.13 -13.43 -20.18
N GLU A 26 -2.04 -12.88 -19.40
CA GLU A 26 -3.46 -13.21 -19.54
C GLU A 26 -4.05 -11.96 -20.17
N ALA A 27 -4.40 -12.06 -21.44
CA ALA A 27 -4.88 -10.94 -22.22
C ALA A 27 -5.86 -9.95 -21.60
N GLN A 28 -6.90 -10.45 -20.93
CA GLN A 28 -7.88 -9.57 -20.31
C GLN A 28 -7.28 -8.83 -19.12
N TYR A 29 -6.39 -9.49 -18.39
CA TYR A 29 -5.72 -8.87 -17.25
C TYR A 29 -4.89 -7.70 -17.73
N LYS A 30 -4.01 -7.96 -18.70
CA LYS A 30 -3.16 -6.91 -19.24
C LYS A 30 -3.94 -5.75 -19.85
N ALA A 31 -5.03 -6.06 -20.54
CA ALA A 31 -5.85 -5.02 -21.15
C ALA A 31 -6.39 -4.07 -20.09
N ILE A 32 -6.93 -4.62 -19.02
CA ILE A 32 -7.46 -3.78 -17.94
C ILE A 32 -6.30 -3.05 -17.31
N ALA A 33 -5.21 -3.78 -17.05
CA ALA A 33 -4.04 -3.15 -16.43
C ALA A 33 -3.52 -1.94 -17.21
N ASP A 34 -3.44 -2.06 -18.53
CA ASP A 34 -2.93 -0.96 -19.37
C ASP A 34 -3.91 0.21 -19.50
N SER A 35 -5.21 -0.07 -19.43
CA SER A 35 -6.24 0.94 -19.64
C SER A 35 -6.80 1.72 -18.48
N GLU A 36 -6.99 1.05 -17.36
CA GLU A 36 -7.63 1.69 -16.21
C GLU A 36 -6.80 2.33 -15.12
N PHE A 37 -5.50 2.07 -15.09
CA PHE A 37 -4.67 2.60 -14.02
C PHE A 37 -3.54 3.51 -14.48
N ASN A 38 -3.07 4.37 -13.59
CA ASN A 38 -1.97 5.29 -13.90
C ASN A 38 -0.83 5.09 -12.91
N LEU A 39 -0.99 4.10 -12.02
CA LEU A 39 0.03 3.81 -11.02
C LEU A 39 0.06 2.30 -10.82
N VAL A 40 1.22 1.77 -10.48
CA VAL A 40 1.34 0.34 -10.26
C VAL A 40 2.24 0.08 -9.04
N VAL A 41 1.94 -1.00 -8.32
CA VAL A 41 2.71 -1.39 -7.16
C VAL A 41 2.87 -2.88 -7.25
N ALA A 42 4.00 -3.42 -6.82
CA ALA A 42 4.16 -4.85 -6.85
C ALA A 42 3.41 -5.46 -5.67
N GLU A 43 2.54 -6.41 -5.94
CA GLU A 43 1.78 -7.08 -4.87
C GLU A 43 2.77 -7.79 -3.92
N ASN A 44 3.74 -8.50 -4.51
CA ASN A 44 4.71 -9.27 -3.72
C ASN A 44 6.14 -9.21 -4.17
N ALA A 45 6.36 -8.83 -5.43
CA ALA A 45 7.70 -8.79 -6.02
C ALA A 45 8.78 -7.96 -5.34
N MET A 46 8.40 -6.96 -4.55
CA MET A 46 9.37 -6.09 -3.89
C MET A 46 9.57 -6.23 -2.41
N LYS A 47 8.97 -7.27 -1.82
CA LYS A 47 9.09 -7.56 -0.39
C LYS A 47 10.42 -8.24 -0.07
N TRP A 48 10.77 -8.22 1.22
CA TRP A 48 12.02 -8.80 1.71
C TRP A 48 12.30 -10.23 1.26
N ASP A 49 11.33 -11.11 1.40
CA ASP A 49 11.54 -12.50 1.00
C ASP A 49 11.77 -12.67 -0.51
N ALA A 50 11.16 -11.80 -1.33
CA ALA A 50 11.31 -11.91 -2.76
C ALA A 50 12.56 -11.25 -3.27
N THR A 51 13.17 -10.38 -2.46
CA THR A 51 14.37 -9.64 -2.85
C THR A 51 15.69 -10.11 -2.21
N GLU A 52 15.65 -10.56 -0.96
CA GLU A 52 16.86 -11.04 -0.31
C GLU A 52 16.52 -12.38 0.35
N PRO A 53 16.30 -13.44 -0.45
CA PRO A 53 15.96 -14.76 0.07
C PRO A 53 17.04 -15.43 0.94
N SER A 54 18.28 -14.95 0.81
CA SER A 54 19.41 -15.46 1.58
C SER A 54 20.18 -14.21 1.94
N GLN A 55 20.76 -14.16 3.13
CA GLN A 55 21.49 -12.97 3.52
C GLN A 55 22.47 -12.50 2.46
N ASN A 56 22.37 -11.23 2.10
CA ASN A 56 23.24 -10.59 1.10
C ASN A 56 23.16 -11.12 -0.32
N SER A 57 22.13 -11.89 -0.61
CA SER A 57 21.95 -12.47 -1.93
C SER A 57 20.64 -11.95 -2.51
N PHE A 58 20.73 -10.84 -3.24
CA PHE A 58 19.55 -10.20 -3.81
C PHE A 58 19.04 -10.75 -5.13
N SER A 59 17.73 -10.82 -5.23
CA SER A 59 17.04 -11.30 -6.40
C SER A 59 16.06 -10.22 -6.84
N PHE A 60 16.42 -9.50 -7.90
CA PHE A 60 15.57 -8.43 -8.40
C PHE A 60 14.77 -8.71 -9.66
N GLY A 61 14.80 -9.93 -10.16
CA GLY A 61 14.06 -10.28 -11.36
C GLY A 61 12.61 -9.84 -11.37
N ALA A 62 11.79 -10.39 -10.48
CA ALA A 62 10.38 -9.99 -10.40
C ALA A 62 10.17 -8.51 -10.15
N GLY A 63 11.00 -7.92 -9.30
CA GLY A 63 10.88 -6.50 -9.01
C GLY A 63 11.15 -5.70 -10.27
N ASP A 64 12.20 -6.05 -11.00
CA ASP A 64 12.53 -5.35 -12.24
C ASP A 64 11.43 -5.53 -13.26
N ARG A 65 10.79 -6.69 -13.24
CA ARG A 65 9.73 -6.95 -14.18
C ARG A 65 8.59 -5.95 -13.97
N VAL A 66 8.29 -5.63 -12.71
CA VAL A 66 7.21 -4.70 -12.40
C VAL A 66 7.66 -3.30 -12.78
N ALA A 67 8.91 -2.96 -12.49
CA ALA A 67 9.42 -1.62 -12.82
C ALA A 67 9.45 -1.41 -14.32
N SER A 68 9.77 -2.46 -15.08
CA SER A 68 9.80 -2.34 -16.54
C SER A 68 8.39 -2.08 -17.04
N TYR A 69 7.43 -2.78 -16.43
CA TYR A 69 6.04 -2.59 -16.85
C TYR A 69 5.60 -1.15 -16.63
N ALA A 70 5.92 -0.60 -15.45
CA ALA A 70 5.57 0.79 -15.14
C ALA A 70 6.18 1.71 -16.20
N ALA A 71 7.48 1.60 -16.44
CA ALA A 71 8.17 2.43 -17.45
C ALA A 71 7.66 2.31 -18.88
N ASP A 72 7.39 1.10 -19.33
CA ASP A 72 6.91 0.88 -20.68
C ASP A 72 5.49 1.40 -20.92
N THR A 73 4.64 1.35 -19.89
CA THR A 73 3.25 1.81 -20.04
C THR A 73 3.03 3.22 -19.53
N GLY A 74 4.10 3.83 -19.02
CA GLY A 74 4.01 5.17 -18.50
C GLY A 74 3.24 5.32 -17.20
N LYS A 75 3.39 4.40 -16.25
CA LYS A 75 2.65 4.52 -14.99
C LYS A 75 3.60 4.88 -13.88
N GLU A 76 3.07 5.51 -12.83
CA GLU A 76 3.89 5.85 -11.66
C GLU A 76 4.18 4.52 -10.96
N LEU A 77 5.33 4.41 -10.31
CA LEU A 77 5.73 3.18 -9.61
C LEU A 77 5.75 3.49 -8.12
N TYR A 78 5.07 2.64 -7.34
CA TYR A 78 5.01 2.73 -5.88
C TYR A 78 5.74 1.52 -5.35
N GLY A 79 6.67 1.73 -4.41
CA GLY A 79 7.44 0.64 -3.85
C GLY A 79 6.87 0.02 -2.57
N HIS A 80 6.74 -1.29 -2.57
CA HIS A 80 6.18 -1.97 -1.43
C HIS A 80 6.95 -3.27 -1.25
N THR A 81 7.71 -3.48 -0.16
CA THR A 81 7.88 -2.57 0.98
C THR A 81 9.25 -2.94 1.58
N LEU A 82 9.92 -1.99 2.22
CA LEU A 82 11.23 -2.23 2.79
C LEU A 82 11.30 -3.03 4.08
N VAL A 83 10.69 -2.50 5.15
CA VAL A 83 10.71 -3.13 6.47
C VAL A 83 9.29 -3.58 6.83
N TRP A 84 9.11 -4.88 7.00
CA TRP A 84 7.82 -5.46 7.32
C TRP A 84 7.98 -6.77 8.08
N HIS A 85 7.30 -6.91 9.22
CA HIS A 85 7.43 -8.13 10.02
C HIS A 85 6.98 -9.41 9.30
N SER A 86 6.02 -9.29 8.39
CA SER A 86 5.53 -10.45 7.65
C SER A 86 6.39 -10.71 6.44
N GLN A 87 6.47 -11.98 6.05
CA GLN A 87 7.28 -12.37 4.90
C GLN A 87 8.74 -11.98 5.11
N LEU A 88 9.26 -12.32 6.29
CA LEU A 88 10.65 -12.06 6.64
C LEU A 88 11.30 -13.44 6.56
N PRO A 89 12.28 -13.62 5.67
CA PRO A 89 12.94 -14.93 5.55
C PRO A 89 13.57 -15.34 6.88
N ASP A 90 13.62 -16.64 7.12
CA ASP A 90 14.15 -17.14 8.38
C ASP A 90 15.55 -16.70 8.78
N TRP A 91 16.44 -16.51 7.81
CA TRP A 91 17.80 -16.08 8.14
C TRP A 91 17.76 -14.75 8.90
N ALA A 92 16.80 -13.91 8.56
CA ALA A 92 16.65 -12.60 9.19
C ALA A 92 16.13 -12.74 10.61
N LYS A 93 15.10 -13.56 10.77
CA LYS A 93 14.50 -13.80 12.08
C LYS A 93 15.52 -14.50 12.96
N ASN A 94 16.64 -14.91 12.37
CA ASN A 94 17.68 -15.62 13.10
C ASN A 94 18.87 -14.76 13.54
N LEU A 95 18.86 -13.48 13.17
CA LEU A 95 19.95 -12.57 13.54
C LEU A 95 19.55 -11.79 14.79
N ASN A 96 20.51 -11.46 15.63
CA ASN A 96 20.18 -10.72 16.83
C ASN A 96 20.92 -9.39 16.95
N GLY A 97 20.30 -8.47 17.70
CA GLY A 97 20.86 -7.16 17.95
C GLY A 97 21.59 -6.55 16.79
N SER A 98 22.82 -6.11 17.05
CA SER A 98 23.68 -5.49 16.04
C SER A 98 23.62 -6.21 14.69
N ALA A 99 23.90 -7.51 14.70
CA ALA A 99 23.90 -8.31 13.48
C ALA A 99 22.59 -8.11 12.69
N PHE A 100 21.48 -8.07 13.43
CA PHE A 100 20.16 -7.89 12.86
C PHE A 100 19.97 -6.47 12.34
N GLU A 101 20.56 -5.49 13.01
CA GLU A 101 20.40 -4.13 12.56
C GLU A 101 21.18 -3.84 11.27
N SER A 102 22.30 -4.53 11.09
CA SER A 102 23.10 -4.32 9.90
C SER A 102 22.40 -4.95 8.71
N ALA A 103 21.78 -6.11 8.93
CA ALA A 103 21.04 -6.79 7.87
C ALA A 103 19.89 -5.90 7.41
N MET A 104 19.22 -5.27 8.38
CA MET A 104 18.12 -4.37 8.08
C MET A 104 18.60 -3.18 7.26
N VAL A 105 19.51 -2.35 7.80
CA VAL A 105 19.98 -1.18 7.03
C VAL A 105 20.54 -1.59 5.66
N ASN A 106 21.27 -2.69 5.62
CA ASN A 106 21.81 -3.13 4.36
C ASN A 106 20.68 -3.47 3.37
N HIS A 107 19.64 -4.18 3.82
CA HIS A 107 18.54 -4.54 2.95
C HIS A 107 17.84 -3.28 2.44
N VAL A 108 17.66 -2.30 3.32
CA VAL A 108 17.01 -1.05 2.96
C VAL A 108 17.87 -0.27 1.93
N THR A 109 19.19 -0.29 2.13
CA THR A 109 20.11 0.40 1.23
C THR A 109 20.15 -0.21 -0.17
N LYS A 110 20.31 -1.53 -0.27
CA LYS A 110 20.36 -2.16 -1.57
C LYS A 110 19.07 -2.03 -2.37
N VAL A 111 17.95 -2.37 -1.77
CA VAL A 111 16.70 -2.31 -2.50
C VAL A 111 16.31 -0.93 -2.94
N ALA A 112 16.56 0.05 -2.09
CA ALA A 112 16.23 1.43 -2.41
C ALA A 112 17.15 1.92 -3.51
N ASP A 113 18.44 1.63 -3.35
CA ASP A 113 19.46 2.05 -4.29
C ASP A 113 19.23 1.39 -5.67
N HIS A 114 18.86 0.12 -5.68
CA HIS A 114 18.61 -0.55 -6.94
C HIS A 114 17.44 0.03 -7.73
N PHE A 115 16.44 0.60 -7.06
CA PHE A 115 15.30 1.15 -7.77
C PHE A 115 15.30 2.63 -7.78
N GLU A 116 16.40 3.25 -7.34
CA GLU A 116 16.49 4.70 -7.32
C GLU A 116 16.13 5.27 -8.68
N GLY A 117 15.30 6.32 -8.67
CA GLY A 117 14.85 6.95 -9.90
C GLY A 117 13.74 6.21 -10.60
N LYS A 118 13.40 4.99 -10.15
CA LYS A 118 12.31 4.25 -10.76
C LYS A 118 11.09 4.27 -9.82
N VAL A 119 11.35 3.96 -8.55
CA VAL A 119 10.31 3.98 -7.54
C VAL A 119 10.11 5.41 -7.09
N ALA A 120 8.90 5.94 -7.24
CA ALA A 120 8.60 7.30 -6.81
C ALA A 120 8.31 7.43 -5.30
N SER A 121 7.71 6.41 -4.71
CA SER A 121 7.41 6.44 -3.27
C SER A 121 7.62 5.06 -2.71
N TRP A 122 8.12 4.99 -1.50
CA TRP A 122 8.36 3.72 -0.84
C TRP A 122 7.58 3.58 0.45
N ASP A 123 7.11 2.36 0.72
CA ASP A 123 6.49 2.05 1.96
C ASP A 123 7.75 1.64 2.69
N VAL A 124 8.35 2.56 3.42
CA VAL A 124 9.56 2.23 4.14
C VAL A 124 9.29 1.28 5.31
N VAL A 125 8.27 1.60 6.12
CA VAL A 125 7.90 0.75 7.23
C VAL A 125 6.42 0.45 7.07
N ASN A 126 6.09 -0.82 7.17
CA ASN A 126 4.73 -1.24 7.00
C ASN A 126 4.28 -1.94 8.27
N GLU A 127 3.06 -1.63 8.73
CA GLU A 127 2.46 -2.28 9.90
C GLU A 127 3.23 -2.31 11.19
N ALA A 128 3.69 -1.14 11.62
CA ALA A 128 4.48 -1.05 12.85
C ALA A 128 3.61 -1.03 14.12
N PHE A 129 2.37 -0.56 13.99
CA PHE A 129 1.50 -0.46 15.15
C PHE A 129 0.56 -1.63 15.45
N ALA A 130 0.20 -1.73 16.72
CA ALA A 130 -0.71 -2.75 17.21
C ALA A 130 -2.15 -2.23 17.18
N ASP A 131 -3.11 -3.10 16.91
CA ASP A 131 -4.51 -2.70 16.90
C ASP A 131 -4.80 -2.37 18.38
N GLY A 132 -5.42 -1.22 18.61
CA GLY A 132 -5.67 -0.85 19.98
C GLY A 132 -4.60 0.10 20.53
N GLY A 133 -3.69 0.56 19.67
CA GLY A 133 -2.68 1.48 20.11
C GLY A 133 -1.42 0.75 20.51
N GLY A 134 -0.31 1.47 20.45
CA GLY A 134 0.97 0.89 20.80
C GLY A 134 1.72 0.31 19.61
N ARG A 135 2.89 -0.27 19.88
CA ARG A 135 3.74 -0.88 18.85
C ARG A 135 3.36 -2.35 18.69
N ARG A 136 3.55 -2.88 17.50
CA ARG A 136 3.27 -4.26 17.20
C ARG A 136 4.24 -5.10 18.04
N GLN A 137 3.70 -6.04 18.80
CA GLN A 137 4.52 -6.87 19.68
C GLN A 137 5.16 -8.06 18.96
N ASP A 138 4.43 -8.67 18.03
CA ASP A 138 4.96 -9.83 17.30
C ASP A 138 5.93 -9.49 16.15
N SER A 139 6.48 -8.28 16.15
CA SER A 139 7.43 -7.91 15.11
C SER A 139 8.86 -8.20 15.51
N ALA A 140 9.60 -8.87 14.65
CA ALA A 140 10.99 -9.16 14.94
C ALA A 140 11.78 -7.87 15.01
N PHE A 141 11.34 -6.86 14.26
CA PHE A 141 12.02 -5.59 14.24
C PHE A 141 11.86 -4.88 15.58
N GLN A 142 10.64 -4.89 16.10
CA GLN A 142 10.31 -4.25 17.39
C GLN A 142 11.02 -4.96 18.52
N GLN A 143 10.93 -6.29 18.52
CA GLN A 143 11.55 -7.11 19.55
C GLN A 143 13.06 -6.97 19.65
N LYS A 144 13.72 -7.05 18.50
CA LYS A 144 15.16 -6.97 18.49
C LYS A 144 15.78 -5.59 18.52
N LEU A 145 15.06 -4.60 18.02
CA LEU A 145 15.63 -3.27 17.98
C LEU A 145 14.89 -2.25 18.85
N GLY A 146 13.67 -2.58 19.26
CA GLY A 146 12.95 -1.64 20.07
C GLY A 146 12.43 -0.52 19.23
N ASN A 147 11.91 0.49 19.91
CA ASN A 147 11.28 1.65 19.28
C ASN A 147 12.03 2.44 18.21
N GLY A 148 13.35 2.41 18.23
CA GLY A 148 14.12 3.21 17.28
C GLY A 148 14.32 2.71 15.86
N TYR A 149 13.91 1.48 15.58
CA TYR A 149 14.10 0.94 14.25
C TYR A 149 13.39 1.73 13.16
N ILE A 150 12.19 2.23 13.43
CA ILE A 150 11.47 2.98 12.44
C ILE A 150 12.32 4.15 11.94
N GLU A 151 12.87 4.90 12.89
CA GLU A 151 13.73 6.02 12.56
C GLU A 151 14.99 5.56 11.78
N THR A 152 15.62 4.49 12.22
CA THR A 152 16.80 3.99 11.52
C THR A 152 16.45 3.71 10.05
N ALA A 153 15.40 2.92 9.82
CA ALA A 153 14.92 2.58 8.47
C ALA A 153 14.70 3.78 7.54
N PHE A 154 14.04 4.82 8.05
CA PHE A 154 13.75 6.01 7.25
C PHE A 154 15.01 6.81 6.91
N ARG A 155 15.95 6.89 7.85
CA ARG A 155 17.18 7.62 7.60
C ARG A 155 18.06 6.86 6.61
N ALA A 156 18.07 5.53 6.72
CA ALA A 156 18.86 4.71 5.81
C ALA A 156 18.26 4.88 4.42
N ALA A 157 16.94 4.89 4.33
CA ALA A 157 16.27 5.05 3.05
C ALA A 157 16.49 6.41 2.39
N ARG A 158 16.39 7.52 3.13
CA ARG A 158 16.60 8.84 2.55
C ARG A 158 18.02 8.96 2.02
N ALA A 159 18.93 8.30 2.70
CA ALA A 159 20.32 8.35 2.31
C ALA A 159 20.60 7.51 1.06
N ALA A 160 19.84 6.44 0.83
CA ALA A 160 20.08 5.60 -0.33
C ALA A 160 19.36 6.11 -1.58
N ASP A 161 18.24 6.81 -1.35
CA ASP A 161 17.44 7.38 -2.42
C ASP A 161 16.97 8.73 -1.90
N PRO A 162 17.73 9.78 -2.20
CA PRO A 162 17.44 11.16 -1.79
C PRO A 162 16.15 11.82 -2.25
N THR A 163 15.48 11.28 -3.26
CA THR A 163 14.25 11.92 -3.73
C THR A 163 12.95 11.12 -3.67
N ALA A 164 13.03 9.82 -3.43
CA ALA A 164 11.80 9.03 -3.33
C ALA A 164 11.00 9.54 -2.14
N LYS A 165 9.68 9.54 -2.20
CA LYS A 165 8.85 9.97 -1.06
C LYS A 165 8.83 8.75 -0.15
N LEU A 166 9.20 8.95 1.11
CA LEU A 166 9.26 7.86 2.08
C LEU A 166 8.00 7.81 2.95
N CYS A 167 7.21 6.75 2.81
CA CYS A 167 5.98 6.62 3.61
C CYS A 167 5.97 5.52 4.67
N ILE A 168 5.01 5.61 5.60
CA ILE A 168 4.78 4.61 6.64
C ILE A 168 3.34 4.20 6.32
N ASN A 169 3.11 2.90 6.26
CA ASN A 169 1.80 2.37 5.88
C ASN A 169 1.19 1.46 6.95
N ASP A 170 -0.15 1.48 7.08
CA ASP A 170 -0.83 0.60 8.04
C ASP A 170 -2.31 0.40 7.72
N TYR A 171 -2.95 -0.56 8.39
CA TYR A 171 -4.38 -0.84 8.20
C TYR A 171 -5.05 -0.54 9.54
N ASN A 172 -6.38 -0.44 9.51
CA ASN A 172 -7.13 -0.14 10.73
C ASN A 172 -6.66 1.12 11.39
N VAL A 173 -6.33 2.10 10.55
CA VAL A 173 -5.90 3.41 10.99
C VAL A 173 -6.68 4.37 10.13
N GLU A 174 -7.74 3.87 9.49
CA GLU A 174 -8.56 4.69 8.57
C GLU A 174 -9.41 5.68 9.31
N GLY A 175 -9.84 5.30 10.51
CA GLY A 175 -10.67 6.18 11.31
C GLY A 175 -9.92 6.55 12.56
N ILE A 176 -10.50 7.46 13.34
CA ILE A 176 -9.86 7.88 14.57
C ILE A 176 -10.05 6.80 15.60
N ASN A 177 -8.95 6.33 16.15
CA ASN A 177 -8.94 5.26 17.15
C ASN A 177 -7.58 5.19 17.78
N ALA A 178 -7.36 4.20 18.63
CA ALA A 178 -6.09 4.09 19.34
C ALA A 178 -4.90 3.75 18.46
N LYS A 179 -5.16 3.07 17.34
CA LYS A 179 -4.07 2.73 16.42
C LYS A 179 -3.66 3.98 15.59
N SER A 180 -4.63 4.68 14.98
CA SER A 180 -4.30 5.85 14.18
C SER A 180 -3.80 7.00 15.04
N ASN A 181 -4.17 6.99 16.32
CA ASN A 181 -3.73 8.01 17.25
C ASN A 181 -2.26 7.79 17.53
N SER A 182 -1.85 6.55 17.73
CA SER A 182 -0.44 6.23 17.94
C SER A 182 0.39 6.58 16.67
N LEU A 183 -0.21 6.35 15.50
CA LEU A 183 0.45 6.65 14.22
C LEU A 183 0.62 8.16 14.10
N TYR A 184 -0.43 8.88 14.46
CA TYR A 184 -0.45 10.33 14.44
C TYR A 184 0.68 10.87 15.31
N ASP A 185 0.83 10.29 16.51
CA ASP A 185 1.87 10.72 17.44
C ASP A 185 3.26 10.54 16.83
N LEU A 186 3.46 9.43 16.14
CA LEU A 186 4.75 9.12 15.54
C LEU A 186 5.10 10.12 14.42
N VAL A 187 4.15 10.40 13.53
CA VAL A 187 4.39 11.32 12.42
C VAL A 187 4.75 12.72 12.95
N LYS A 188 3.92 13.22 13.84
CA LYS A 188 4.10 14.52 14.47
C LYS A 188 5.52 14.63 15.07
N ASP A 189 5.94 13.59 15.78
CA ASP A 189 7.25 13.59 16.39
C ASP A 189 8.38 13.61 15.33
N PHE A 190 8.30 12.71 14.36
CA PHE A 190 9.27 12.61 13.29
C PHE A 190 9.44 13.94 12.59
N LYS A 191 8.31 14.54 12.22
CA LYS A 191 8.29 15.83 11.54
C LYS A 191 9.01 16.89 12.35
N ALA A 192 8.64 17.02 13.61
CA ALA A 192 9.23 17.99 14.53
C ALA A 192 10.72 17.78 14.73
N ARG A 193 11.14 16.52 14.78
CA ARG A 193 12.55 16.18 14.97
C ARG A 193 13.35 16.07 13.67
N GLY A 194 12.68 16.29 12.54
CA GLY A 194 13.36 16.25 11.25
C GLY A 194 13.67 14.89 10.63
N VAL A 195 13.02 13.83 11.12
CA VAL A 195 13.25 12.48 10.57
C VAL A 195 12.61 12.45 9.18
N PRO A 196 13.33 11.94 8.17
CA PRO A 196 12.71 11.92 6.84
C PRO A 196 11.47 11.01 6.78
N LEU A 197 10.33 11.62 6.46
CA LEU A 197 9.06 10.91 6.38
C LEU A 197 8.28 11.86 5.52
N ASP A 198 7.62 11.37 4.49
CA ASP A 198 6.96 12.29 3.60
C ASP A 198 5.49 12.03 3.43
N CYS A 199 5.04 10.82 3.72
CA CYS A 199 3.67 10.46 3.41
C CYS A 199 3.17 9.35 4.35
N VAL A 200 1.86 9.21 4.46
CA VAL A 200 1.29 8.19 5.30
C VAL A 200 0.28 7.46 4.47
N GLY A 201 0.40 6.15 4.41
CA GLY A 201 -0.55 5.38 3.63
C GLY A 201 -1.56 4.65 4.49
N PHE A 202 -2.82 4.61 4.05
CA PHE A 202 -3.89 3.93 4.77
C PHE A 202 -4.33 2.76 3.91
N GLN A 203 -3.94 1.55 4.32
CA GLN A 203 -4.26 0.36 3.57
C GLN A 203 -5.72 0.26 3.12
N SER A 204 -6.66 0.60 3.99
CA SER A 204 -8.08 0.50 3.68
C SER A 204 -8.59 -0.86 3.21
N HIS A 205 -8.26 -1.89 3.99
CA HIS A 205 -8.77 -3.23 3.71
C HIS A 205 -10.06 -3.23 4.55
N LEU A 206 -11.12 -2.67 3.95
CA LEU A 206 -12.42 -2.51 4.57
C LEU A 206 -13.41 -3.66 4.38
N ILE A 207 -14.53 -3.55 5.10
CA ILE A 207 -15.63 -4.52 5.07
C ILE A 207 -16.81 -3.78 4.50
N VAL A 208 -17.56 -4.42 3.61
CA VAL A 208 -18.68 -3.75 2.98
C VAL A 208 -19.67 -3.25 4.02
N GLY A 209 -20.07 -2.00 3.84
CA GLY A 209 -21.03 -1.37 4.73
C GLY A 209 -20.42 -0.78 5.99
N GLN A 210 -19.14 -1.07 6.24
CA GLN A 210 -18.47 -0.56 7.44
C GLN A 210 -17.31 0.40 7.19
N VAL A 211 -17.54 1.37 6.31
CA VAL A 211 -16.58 2.40 5.97
C VAL A 211 -16.63 3.49 7.04
N PRO A 212 -15.48 3.77 7.68
CA PRO A 212 -15.36 4.79 8.73
C PRO A 212 -15.95 6.16 8.35
N GLY A 213 -16.92 6.61 9.16
CA GLY A 213 -17.57 7.87 8.91
C GLY A 213 -16.67 9.06 9.15
N ASP A 214 -15.53 8.85 9.78
CA ASP A 214 -14.62 9.95 10.03
C ASP A 214 -13.33 9.80 9.20
N PHE A 215 -13.44 9.03 8.12
CA PHE A 215 -12.32 8.78 7.23
C PHE A 215 -11.69 10.12 6.77
N ARG A 216 -12.49 10.98 6.14
CA ARG A 216 -11.99 12.28 5.68
C ARG A 216 -11.31 13.06 6.78
N GLN A 217 -11.93 13.11 7.94
CA GLN A 217 -11.42 13.84 9.10
C GLN A 217 -10.06 13.34 9.52
N ASN A 218 -9.91 12.02 9.54
CA ASN A 218 -8.65 11.40 9.92
C ASN A 218 -7.57 11.73 8.90
N LEU A 219 -7.92 11.62 7.63
CA LEU A 219 -6.99 11.90 6.53
C LEU A 219 -6.46 13.32 6.67
N GLN A 220 -7.39 14.23 6.90
CA GLN A 220 -7.14 15.65 7.03
C GLN A 220 -6.20 16.04 8.15
N ARG A 221 -6.35 15.45 9.34
CA ARG A 221 -5.46 15.80 10.45
C ARG A 221 -4.01 15.40 10.16
N PHE A 222 -3.84 14.30 9.43
CA PHE A 222 -2.51 13.80 9.05
C PHE A 222 -1.87 14.75 8.07
N ALA A 223 -2.63 15.15 7.07
CA ALA A 223 -2.16 16.10 6.07
C ALA A 223 -1.69 17.36 6.76
N ASP A 224 -2.47 17.83 7.72
CA ASP A 224 -2.14 19.04 8.50
C ASP A 224 -0.76 18.98 9.09
N LEU A 225 -0.21 17.79 9.26
CA LEU A 225 1.12 17.68 9.82
C LEU A 225 2.19 18.00 8.80
N GLY A 226 1.77 18.30 7.58
CA GLY A 226 2.71 18.60 6.51
C GLY A 226 3.22 17.33 5.85
N VAL A 227 2.33 16.37 5.67
CA VAL A 227 2.71 15.11 5.08
C VAL A 227 1.63 14.78 4.07
N ASP A 228 1.95 13.94 3.09
CA ASP A 228 0.97 13.57 2.08
C ASP A 228 0.34 12.28 2.55
N VAL A 229 -0.89 12.02 2.16
CA VAL A 229 -1.54 10.79 2.56
C VAL A 229 -2.02 10.04 1.31
N ARG A 230 -2.15 8.73 1.40
CA ARG A 230 -2.61 7.95 0.25
C ARG A 230 -3.35 6.73 0.73
N ILE A 231 -4.32 6.28 -0.07
CA ILE A 231 -5.09 5.07 0.22
C ILE A 231 -4.26 4.03 -0.51
N THR A 232 -3.73 3.02 0.18
CA THR A 232 -2.82 2.09 -0.45
C THR A 232 -3.14 0.66 -0.85
N GLU A 233 -4.17 0.05 -0.27
CA GLU A 233 -4.44 -1.36 -0.57
C GLU A 233 -5.91 -1.63 -0.50
N LEU A 234 -6.66 -0.72 -1.12
CA LEU A 234 -8.10 -0.76 -1.11
C LEU A 234 -8.81 -1.97 -1.69
N ASP A 235 -9.68 -2.53 -0.87
CA ASP A 235 -10.59 -3.63 -1.24
C ASP A 235 -11.64 -3.62 -0.14
N ILE A 236 -12.89 -3.81 -0.53
CA ILE A 236 -14.04 -3.78 0.38
C ILE A 236 -14.75 -5.12 0.30
N ARG A 237 -14.37 -6.03 1.19
CA ARG A 237 -14.92 -7.37 1.20
C ARG A 237 -16.32 -7.59 1.76
N MET A 238 -16.89 -8.72 1.38
CA MET A 238 -18.22 -9.13 1.78
C MET A 238 -18.22 -10.63 2.00
N ARG A 239 -19.31 -11.15 2.59
CA ARG A 239 -19.45 -12.60 2.79
C ARG A 239 -19.95 -13.12 1.44
N THR A 240 -19.27 -14.10 0.89
CA THR A 240 -19.68 -14.62 -0.38
C THR A 240 -20.84 -15.55 -0.13
N PRO A 241 -21.75 -15.70 -1.11
CA PRO A 241 -21.72 -15.04 -2.42
C PRO A 241 -22.22 -13.61 -2.37
N SER A 242 -22.01 -12.89 -3.46
CA SER A 242 -22.47 -11.52 -3.52
C SER A 242 -23.88 -11.55 -4.10
N ASP A 243 -24.50 -10.37 -4.18
CA ASP A 243 -25.83 -10.24 -4.72
C ASP A 243 -26.05 -8.76 -4.97
N ALA A 244 -27.18 -8.42 -5.58
CA ALA A 244 -27.52 -7.04 -5.88
C ALA A 244 -27.29 -6.06 -4.75
N THR A 245 -27.85 -6.32 -3.57
CA THR A 245 -27.68 -5.38 -2.48
C THR A 245 -26.23 -5.25 -2.06
N LYS A 246 -25.55 -6.37 -1.84
CA LYS A 246 -24.13 -6.31 -1.45
C LYS A 246 -23.30 -5.47 -2.44
N LEU A 247 -23.48 -5.74 -3.73
CA LEU A 247 -22.77 -5.02 -4.77
C LEU A 247 -23.12 -3.57 -4.70
N ALA A 248 -24.39 -3.29 -4.42
CA ALA A 248 -24.86 -1.92 -4.34
C ALA A 248 -24.27 -1.16 -3.17
N THR A 249 -24.12 -1.84 -2.03
CA THR A 249 -23.55 -1.22 -0.84
C THR A 249 -22.04 -1.09 -1.06
N GLN A 250 -21.43 -2.11 -1.66
CA GLN A 250 -19.98 -2.05 -1.93
C GLN A 250 -19.72 -0.87 -2.86
N ALA A 251 -20.54 -0.72 -3.89
CA ALA A 251 -20.37 0.39 -4.79
C ALA A 251 -20.36 1.66 -3.97
N ALA A 252 -21.33 1.78 -3.07
CA ALA A 252 -21.45 2.95 -2.19
C ALA A 252 -20.22 3.17 -1.32
N ASP A 253 -19.64 2.08 -0.82
CA ASP A 253 -18.46 2.20 0.00
C ASP A 253 -17.27 2.71 -0.81
N TYR A 254 -17.12 2.21 -2.04
CA TYR A 254 -16.02 2.63 -2.91
C TYR A 254 -16.15 4.13 -3.16
N LYS A 255 -17.37 4.59 -3.35
CA LYS A 255 -17.57 6.00 -3.62
C LYS A 255 -17.15 6.87 -2.46
N LYS A 256 -17.49 6.43 -1.25
CA LYS A 256 -17.16 7.16 -0.04
C LYS A 256 -15.68 7.32 0.14
N VAL A 257 -14.95 6.21 -0.01
CA VAL A 257 -13.48 6.18 0.13
C VAL A 257 -12.81 7.12 -0.89
N VAL A 258 -13.22 7.05 -2.15
CA VAL A 258 -12.62 7.92 -3.14
C VAL A 258 -12.95 9.38 -2.87
N GLN A 259 -14.17 9.66 -2.47
CA GLN A 259 -14.56 11.04 -2.14
C GLN A 259 -13.78 11.55 -0.96
N ALA A 260 -13.51 10.70 0.03
CA ALA A 260 -12.74 11.14 1.20
C ALA A 260 -11.39 11.63 0.73
N CYS A 261 -10.79 10.91 -0.21
CA CYS A 261 -9.50 11.28 -0.75
C CYS A 261 -9.59 12.61 -1.54
N MET A 262 -10.60 12.70 -2.40
CA MET A 262 -10.83 13.91 -3.19
C MET A 262 -11.02 15.18 -2.35
N GLN A 263 -11.39 15.00 -1.09
CA GLN A 263 -11.64 16.18 -0.24
C GLN A 263 -10.45 16.70 0.57
N VAL A 264 -9.36 15.92 0.59
CA VAL A 264 -8.14 16.29 1.30
C VAL A 264 -7.15 16.61 0.20
N THR A 265 -6.86 17.89 0.01
CA THR A 265 -5.94 18.30 -1.06
C THR A 265 -4.65 17.53 -1.11
N ARG A 266 -4.19 16.99 0.01
CA ARG A 266 -2.94 16.24 0.05
C ARG A 266 -3.05 14.74 -0.14
N CYS A 267 -4.25 14.25 -0.45
CA CYS A 267 -4.40 12.82 -0.69
C CYS A 267 -3.93 12.59 -2.13
N GLN A 268 -2.82 11.89 -2.28
CA GLN A 268 -2.24 11.58 -3.59
C GLN A 268 -3.12 10.78 -4.55
N GLY A 269 -3.91 9.84 -4.05
CA GLY A 269 -4.78 9.06 -4.91
C GLY A 269 -5.07 7.76 -4.19
N VAL A 270 -5.61 6.77 -4.90
CA VAL A 270 -5.94 5.47 -4.32
C VAL A 270 -5.46 4.32 -5.18
N THR A 271 -4.98 3.28 -4.51
CA THR A 271 -4.49 2.09 -5.12
C THR A 271 -5.38 0.98 -4.59
N VAL A 272 -5.97 0.21 -5.51
CA VAL A 272 -6.81 -0.93 -5.14
C VAL A 272 -5.89 -2.16 -5.12
N TRP A 273 -6.17 -3.10 -4.22
CA TRP A 273 -5.30 -4.26 -4.09
C TRP A 273 -5.56 -5.41 -5.09
N GLY A 274 -5.43 -5.10 -6.37
CA GLY A 274 -5.62 -6.12 -7.39
C GLY A 274 -6.58 -5.61 -8.42
N ILE A 275 -6.86 -6.44 -9.42
CA ILE A 275 -7.77 -6.08 -10.48
C ILE A 275 -9.03 -6.92 -10.43
N THR A 276 -8.86 -8.24 -10.43
CA THR A 276 -10.02 -9.10 -10.45
C THR A 276 -10.22 -9.93 -9.20
N ASP A 277 -11.48 -10.15 -8.87
CA ASP A 277 -11.81 -10.97 -7.73
C ASP A 277 -11.17 -12.35 -7.80
N LYS A 278 -11.01 -12.93 -8.98
CA LYS A 278 -10.43 -14.28 -9.02
C LYS A 278 -9.03 -14.41 -8.47
N TYR A 279 -8.30 -13.31 -8.40
CA TYR A 279 -6.92 -13.34 -7.92
C TYR A 279 -6.72 -12.65 -6.56
N SER A 280 -7.81 -12.13 -6.00
CA SER A 280 -7.81 -11.44 -4.72
C SER A 280 -7.29 -12.31 -3.58
N TRP A 281 -6.47 -11.70 -2.73
CA TRP A 281 -5.88 -12.37 -1.56
C TRP A 281 -6.88 -12.67 -0.43
N VAL A 282 -7.99 -11.94 -0.41
CA VAL A 282 -8.99 -12.06 0.65
C VAL A 282 -9.40 -13.47 1.03
N PRO A 283 -9.98 -14.24 0.10
CA PRO A 283 -10.40 -15.60 0.42
C PRO A 283 -9.37 -16.48 1.10
N ASP A 284 -8.10 -16.23 0.83
CA ASP A 284 -7.06 -17.05 1.42
C ASP A 284 -6.76 -16.67 2.87
N VAL A 285 -7.13 -15.45 3.26
CA VAL A 285 -6.90 -15.01 4.63
C VAL A 285 -8.20 -14.97 5.44
N PHE A 286 -9.26 -14.42 4.85
CA PHE A 286 -10.55 -14.32 5.53
C PHE A 286 -11.47 -15.36 4.92
N PRO A 287 -11.31 -16.65 5.29
CA PRO A 287 -12.17 -17.67 4.72
C PRO A 287 -13.64 -17.31 4.90
N GLY A 288 -14.38 -17.39 3.81
CA GLY A 288 -15.79 -17.05 3.85
C GLY A 288 -16.11 -15.70 3.25
N GLU A 289 -15.08 -14.87 3.11
CA GLU A 289 -15.28 -13.55 2.53
C GLU A 289 -14.62 -13.38 1.14
N GLY A 290 -15.03 -12.33 0.43
CA GLY A 290 -14.48 -12.10 -0.89
C GLY A 290 -15.22 -11.06 -1.68
N ALA A 291 -15.17 -11.19 -3.00
CA ALA A 291 -15.82 -10.30 -3.95
C ALA A 291 -15.46 -8.85 -3.70
N ALA A 292 -14.24 -8.67 -3.19
CA ALA A 292 -13.72 -7.36 -2.79
C ALA A 292 -13.28 -6.32 -3.82
N LEU A 293 -13.03 -6.75 -5.05
CA LEU A 293 -12.50 -5.83 -6.05
C LEU A 293 -13.49 -5.21 -7.00
N VAL A 294 -12.98 -4.34 -7.87
CA VAL A 294 -13.79 -3.66 -8.86
C VAL A 294 -14.25 -4.55 -10.03
N TRP A 295 -13.51 -5.62 -10.33
CA TRP A 295 -13.87 -6.53 -11.42
C TRP A 295 -14.11 -7.93 -10.87
N ASP A 296 -15.12 -8.62 -11.38
CA ASP A 296 -15.35 -9.97 -10.86
C ASP A 296 -14.41 -10.99 -11.47
N ALA A 297 -14.59 -12.25 -11.11
CA ALA A 297 -13.74 -13.31 -11.62
C ALA A 297 -13.82 -13.48 -13.12
N SER A 298 -14.84 -12.92 -13.73
CA SER A 298 -15.02 -13.00 -15.18
C SER A 298 -14.72 -11.65 -15.88
N TYR A 299 -13.89 -10.84 -15.24
CA TYR A 299 -13.48 -9.53 -15.74
C TYR A 299 -14.62 -8.64 -16.11
N ALA A 300 -15.74 -8.85 -15.43
CA ALA A 300 -16.90 -8.03 -15.65
C ALA A 300 -16.84 -6.93 -14.59
N LYS A 301 -17.09 -5.69 -15.02
CA LYS A 301 -17.08 -4.55 -14.12
C LYS A 301 -18.21 -4.70 -13.13
N LYS A 302 -17.95 -4.40 -11.87
CA LYS A 302 -18.99 -4.48 -10.86
C LYS A 302 -19.53 -3.05 -10.71
N PRO A 303 -20.62 -2.87 -9.91
CA PRO A 303 -21.18 -1.51 -9.73
C PRO A 303 -20.17 -0.53 -9.15
N ALA A 304 -19.17 -1.06 -8.43
CA ALA A 304 -18.12 -0.25 -7.85
C ALA A 304 -17.40 0.53 -8.93
N TYR A 305 -17.30 -0.05 -10.12
CA TYR A 305 -16.63 0.61 -11.23
C TYR A 305 -17.23 1.98 -11.48
N ALA A 306 -18.51 2.06 -11.82
CA ALA A 306 -19.10 3.37 -12.07
C ALA A 306 -19.07 4.29 -10.85
N ALA A 307 -18.99 3.67 -9.67
CA ALA A 307 -18.93 4.42 -8.42
C ALA A 307 -17.65 5.22 -8.37
N VAL A 308 -16.52 4.50 -8.46
CA VAL A 308 -15.17 5.11 -8.43
C VAL A 308 -15.10 6.24 -9.45
N MET A 309 -15.59 5.98 -10.65
CA MET A 309 -15.58 6.95 -11.72
C MET A 309 -16.35 8.22 -11.36
N GLU A 310 -17.50 8.06 -10.70
CA GLU A 310 -18.29 9.23 -10.29
C GLU A 310 -17.61 9.97 -9.18
N ALA A 311 -16.90 9.25 -8.32
CA ALA A 311 -16.23 9.86 -7.20
C ALA A 311 -15.11 10.81 -7.61
N PHE A 312 -14.39 10.44 -8.69
CA PHE A 312 -13.28 11.23 -9.23
C PHE A 312 -13.72 12.51 -9.96
#